data_3FM5
#
_entry.id   3FM5
#
_cell.length_a   75.114
_cell.length_b   75.114
_cell.length_c   213.610
_cell.angle_alpha   90.00
_cell.angle_beta   90.00
_cell.angle_gamma   90.00
#
_symmetry.space_group_name_H-M   'P 41 21 2'
#
loop_
_entity.id
_entity.type
_entity.pdbx_description
1 polymer 'Transcriptional regulator'
2 non-polymer GLYCEROL
3 non-polymer 1,2-ETHANEDIOL
4 non-polymer 'MAGNESIUM ION'
5 non-polymer 'CHLORIDE ION'
6 water water
#
_entity_poly.entity_id   1
_entity_poly.type   'polypeptide(L)'
_entity_poly.pdbx_seq_one_letter_code
;GH(MSE)AESQALSDDIGFLLSRVGG(MSE)VLGAVNKALVPTGLRVRSYSVLVLACEQAEGVNQRGVAAT(MSE)GLDP
SQIVGLVDELEERGLVVRTLDPSDRRNKLIAATEEGRRLRDDAKARVDAAHGRYFEGIPDTVVNQ(MSE)RDTLQSIAFP
TFVEGS
;
_entity_poly.pdbx_strand_id   A,B,C,D
#
# COMPACT_ATOMS: atom_id res chain seq x y z
N ALA A 4 -28.95 -7.13 -2.05
CA ALA A 4 -29.11 -8.42 -2.72
C ALA A 4 -28.67 -8.33 -4.17
N GLU A 5 -29.46 -7.65 -4.99
CA GLU A 5 -29.07 -7.35 -6.37
C GLU A 5 -29.13 -5.83 -6.53
N SER A 6 -29.14 -5.14 -5.39
CA SER A 6 -29.19 -3.69 -5.33
C SER A 6 -28.07 -3.01 -6.09
N GLN A 7 -28.37 -1.85 -6.66
CA GLN A 7 -27.39 -1.11 -7.44
CA GLN A 7 -27.43 -1.08 -7.45
C GLN A 7 -26.98 0.15 -6.68
N ALA A 8 -27.49 0.32 -5.46
CA ALA A 8 -27.19 1.50 -4.66
C ALA A 8 -25.89 1.37 -3.88
N LEU A 9 -25.09 2.43 -3.92
CA LEU A 9 -23.85 2.48 -3.16
C LEU A 9 -24.11 2.30 -1.66
N SER A 10 -25.28 2.74 -1.21
CA SER A 10 -25.65 2.66 0.19
C SER A 10 -25.84 1.22 0.67
N ASP A 11 -25.87 0.26 -0.27
CA ASP A 11 -25.97 -1.15 0.07
C ASP A 11 -24.62 -1.88 -0.08
N ASP A 12 -23.65 -1.22 -0.71
CA ASP A 12 -22.32 -1.78 -0.90
C ASP A 12 -21.61 -1.94 0.44
N ILE A 13 -21.47 -3.18 0.89
CA ILE A 13 -20.94 -3.45 2.23
C ILE A 13 -19.49 -2.99 2.42
N GLY A 14 -18.69 -3.05 1.37
CA GLY A 14 -17.32 -2.55 1.43
C GLY A 14 -17.31 -1.04 1.64
N PHE A 15 -18.12 -0.34 0.87
CA PHE A 15 -18.24 1.10 1.02
C PHE A 15 -18.66 1.48 2.44
N LEU A 16 -19.65 0.77 2.97
CA LEU A 16 -20.17 1.05 4.31
C LEU A 16 -19.12 0.86 5.39
N LEU A 17 -18.40 -0.26 5.30
CA LEU A 17 -17.32 -0.55 6.25
C LEU A 17 -16.27 0.55 6.27
N SER A 18 -15.83 0.99 5.09
CA SER A 18 -14.78 1.99 5.03
C SER A 18 -15.30 3.35 5.46
N ARG A 19 -16.53 3.65 5.08
CA ARG A 19 -17.14 4.92 5.47
C ARG A 19 -17.25 5.00 6.99
N VAL A 20 -17.88 4.00 7.60
CA VAL A 20 -18.06 3.99 9.06
C VAL A 20 -16.74 3.86 9.80
N GLY A 21 -15.85 3.01 9.29
CA GLY A 21 -14.53 2.86 9.86
C GLY A 21 -13.79 4.20 9.91
N GLY A 22 -13.87 4.96 8.82
CA GLY A 22 -13.20 6.25 8.73
C GLY A 22 -13.78 7.27 9.71
N VAL A 24 -15.37 6.58 12.60
CA VAL A 24 -15.01 6.18 13.95
C VAL A 24 -13.54 6.51 14.24
N LEU A 25 -12.66 6.17 13.31
CA LEU A 25 -11.25 6.45 13.48
C LEU A 25 -11.01 7.95 13.72
N GLY A 26 -11.71 8.78 12.95
CA GLY A 26 -11.56 10.21 13.08
C GLY A 26 -11.96 10.68 14.46
N ALA A 27 -13.10 10.19 14.93
CA ALA A 27 -13.61 10.54 16.24
C ALA A 27 -12.66 10.08 17.35
N VAL A 28 -12.20 8.84 17.24
CA VAL A 28 -11.35 8.27 18.27
C VAL A 28 -10.03 9.06 18.36
N ASN A 29 -9.49 9.46 17.22
CA ASN A 29 -8.28 10.27 17.24
C ASN A 29 -8.49 11.60 17.96
N LYS A 30 -9.61 12.25 17.71
CA LYS A 30 -9.95 13.48 18.42
CA LYS A 30 -9.95 13.48 18.43
C LYS A 30 -10.03 13.22 19.92
N ALA A 31 -10.68 12.13 20.30
CA ALA A 31 -10.85 11.78 21.71
C ALA A 31 -9.51 11.52 22.41
N LEU A 32 -8.54 11.01 21.66
CA LEU A 32 -7.24 10.67 22.22
C LEU A 32 -6.28 11.86 22.34
N VAL A 33 -6.66 13.01 21.80
CA VAL A 33 -5.77 14.16 21.79
C VAL A 33 -5.17 14.49 23.17
N PRO A 34 -6.02 14.68 24.19
CA PRO A 34 -5.48 15.03 25.51
C PRO A 34 -4.53 13.96 26.01
N THR A 35 -4.75 12.74 25.55
CA THR A 35 -4.02 11.58 26.04
C THR A 35 -2.59 11.56 25.46
N GLY A 36 -2.40 12.27 24.36
CA GLY A 36 -1.10 12.30 23.70
C GLY A 36 -0.89 11.16 22.72
N LEU A 37 -1.85 10.24 22.66
CA LEU A 37 -1.74 9.09 21.76
C LEU A 37 -2.55 9.32 20.48
N ARG A 38 -2.28 8.47 19.49
CA ARG A 38 -3.11 8.37 18.29
C ARG A 38 -3.67 6.96 18.33
N VAL A 39 -4.53 6.63 17.38
CA VAL A 39 -5.10 5.28 17.38
C VAL A 39 -4.01 4.21 17.29
N ARG A 40 -2.99 4.46 16.48
CA ARG A 40 -1.93 3.48 16.29
C ARG A 40 -1.07 3.27 17.53
N SER A 41 -0.62 4.35 18.16
CA SER A 41 0.18 4.22 19.37
C SER A 41 -0.65 3.60 20.50
N TYR A 42 -1.88 4.07 20.63
CA TYR A 42 -2.81 3.53 21.61
C TYR A 42 -2.91 2.02 21.44
N SER A 43 -3.02 1.58 20.19
CA SER A 43 -3.14 0.17 19.89
C SER A 43 -1.97 -0.62 20.46
N VAL A 44 -0.76 -0.09 20.29
CA VAL A 44 0.42 -0.76 20.78
C VAL A 44 0.43 -0.82 22.31
N LEU A 45 0.01 0.28 22.93
CA LEU A 45 -0.10 0.31 24.39
C LEU A 45 -1.07 -0.77 24.87
N VAL A 46 -2.20 -0.88 24.18
CA VAL A 46 -3.20 -1.89 24.52
C VAL A 46 -2.63 -3.31 24.44
N LEU A 47 -1.91 -3.59 23.36
CA LEU A 47 -1.30 -4.90 23.18
C LEU A 47 -0.34 -5.23 24.32
N ALA A 48 0.34 -4.20 24.81
CA ALA A 48 1.31 -4.39 25.90
C ALA A 48 0.61 -4.70 27.22
N CYS A 49 -0.51 -4.01 27.47
CA CYS A 49 -1.25 -4.20 28.71
C CYS A 49 -2.02 -5.53 28.72
N GLU A 50 -2.26 -6.09 27.54
CA GLU A 50 -2.97 -7.36 27.43
C GLU A 50 -2.30 -8.42 28.31
N GLN A 51 -1.03 -8.69 28.04
CA GLN A 51 -0.27 -9.63 28.83
C GLN A 51 0.32 -8.92 30.04
N ALA A 52 0.04 -9.44 31.22
CA ALA A 52 0.50 -8.82 32.47
C ALA A 52 2.00 -8.52 32.44
N GLU A 53 2.70 -9.12 31.49
CA GLU A 53 4.13 -8.89 31.36
C GLU A 53 4.66 -9.34 30.00
N GLY A 54 4.71 -8.42 29.05
CA GLY A 54 5.36 -8.66 27.79
C GLY A 54 4.48 -8.74 26.55
N VAL A 55 5.09 -8.45 25.40
CA VAL A 55 4.47 -8.64 24.10
C VAL A 55 5.52 -8.41 23.01
N ASN A 56 5.58 -9.30 22.03
CA ASN A 56 6.61 -9.25 20.99
C ASN A 56 6.49 -8.04 20.08
N GLN A 57 7.37 -7.96 19.08
CA GLN A 57 7.37 -6.83 18.15
C GLN A 57 6.85 -7.23 16.77
N ARG A 58 7.37 -8.31 16.22
CA ARG A 58 6.98 -8.76 14.90
C ARG A 58 5.51 -9.19 14.85
N GLY A 59 4.95 -9.50 16.02
CA GLY A 59 3.55 -9.88 16.11
C GLY A 59 2.62 -8.68 16.05
N VAL A 60 3.21 -7.50 16.27
CA VAL A 60 2.45 -6.26 16.24
C VAL A 60 2.16 -5.85 14.80
N ALA A 61 3.19 -5.87 13.97
CA ALA A 61 3.05 -5.53 12.56
C ALA A 61 1.95 -6.35 11.92
N ALA A 62 1.88 -7.62 12.32
CA ALA A 62 0.89 -8.55 11.77
C ALA A 62 -0.52 -8.22 12.26
N THR A 63 -0.64 -7.88 13.54
CA THR A 63 -1.95 -7.62 14.12
C THR A 63 -2.47 -6.22 13.80
N GLY A 65 -1.33 -4.68 10.93
CA GLY A 65 -1.25 -4.59 9.48
C GLY A 65 -0.30 -3.47 9.09
N LEU A 66 0.79 -3.35 9.83
CA LEU A 66 1.81 -2.35 9.54
C LEU A 66 3.18 -3.03 9.49
N ASP A 67 4.24 -2.24 9.43
CA ASP A 67 5.60 -2.79 9.35
C ASP A 67 6.46 -2.38 10.54
N PRO A 68 7.47 -3.21 10.87
CA PRO A 68 8.39 -3.01 11.99
C PRO A 68 8.84 -1.55 12.15
N SER A 69 9.25 -0.92 11.06
CA SER A 69 9.67 0.47 11.07
C SER A 69 8.67 1.34 11.83
N GLN A 70 7.41 1.24 11.43
CA GLN A 70 6.34 2.02 12.06
C GLN A 70 6.15 1.63 13.53
N ILE A 71 6.29 0.34 13.82
CA ILE A 71 6.21 -0.13 15.20
C ILE A 71 7.32 0.46 16.05
N VAL A 72 8.56 0.36 15.56
CA VAL A 72 9.69 0.93 16.25
C VAL A 72 9.37 2.36 16.68
N GLY A 73 9.02 3.20 15.72
CA GLY A 73 8.64 4.57 15.99
C GLY A 73 7.55 4.64 17.04
N LEU A 74 6.54 3.79 16.89
CA LEU A 74 5.41 3.80 17.81
C LEU A 74 5.81 3.44 19.24
N VAL A 75 6.56 2.36 19.40
CA VAL A 75 7.03 1.95 20.72
C VAL A 75 8.02 2.97 21.28
N ASP A 76 8.78 3.61 20.40
CA ASP A 76 9.72 4.64 20.81
C ASP A 76 8.97 5.85 21.37
N GLU A 77 7.87 6.20 20.73
CA GLU A 77 7.03 7.29 21.20
C GLU A 77 6.53 6.98 22.61
N LEU A 78 6.17 5.71 22.82
CA LEU A 78 5.64 5.27 24.11
C LEU A 78 6.73 5.15 25.17
N GLU A 79 7.84 4.52 24.81
CA GLU A 79 8.96 4.36 25.73
C GLU A 79 9.54 5.71 26.12
N GLU A 80 9.54 6.65 25.18
CA GLU A 80 10.07 7.98 25.42
C GLU A 80 9.28 8.69 26.52
N ARG A 81 8.05 8.25 26.73
CA ARG A 81 7.21 8.82 27.78
C ARG A 81 7.17 7.90 29.00
N GLY A 82 7.88 6.78 28.92
CA GLY A 82 7.91 5.82 30.01
C GLY A 82 6.60 5.07 30.15
N LEU A 83 5.90 4.90 29.03
CA LEU A 83 4.62 4.19 29.03
C LEU A 83 4.89 2.70 28.86
N VAL A 84 6.03 2.38 28.26
CA VAL A 84 6.44 1.00 28.07
C VAL A 84 7.95 0.88 28.26
N VAL A 85 8.40 -0.31 28.64
CA VAL A 85 9.83 -0.59 28.81
C VAL A 85 10.26 -1.73 27.89
N ARG A 86 11.10 -1.41 26.91
CA ARG A 86 11.53 -2.39 25.93
C ARG A 86 12.49 -3.40 26.54
N ILE A 98 8.53 -5.59 25.41
CA ILE A 98 7.57 -4.49 25.31
C ILE A 98 6.49 -4.59 26.37
N ALA A 99 6.85 -4.25 27.61
CA ALA A 99 5.92 -4.31 28.73
C ALA A 99 5.46 -2.91 29.12
N ALA A 100 4.25 -2.81 29.68
CA ALA A 100 3.73 -1.53 30.12
C ALA A 100 4.25 -1.18 31.50
N THR A 101 4.28 0.11 31.81
CA THR A 101 4.67 0.57 33.14
C THR A 101 3.42 0.91 33.93
N GLU A 102 3.61 1.16 35.22
CA GLU A 102 2.53 1.57 36.06
C GLU A 102 1.80 2.65 35.28
N GLU A 103 2.58 3.57 34.76
CA GLU A 103 2.07 4.71 34.06
C GLU A 103 1.31 4.28 32.84
N GLY A 104 1.97 3.56 31.95
CA GLY A 104 1.31 3.09 30.79
C GLY A 104 -0.06 2.60 31.18
N ARG A 105 -0.10 1.72 32.15
CA ARG A 105 -1.36 1.07 32.45
C ARG A 105 -2.41 2.07 32.91
N ARG A 106 -1.96 3.15 33.56
CA ARG A 106 -2.86 4.21 33.98
C ARG A 106 -3.36 5.01 32.79
N LEU A 107 -2.47 5.26 31.82
CA LEU A 107 -2.83 6.00 30.63
C LEU A 107 -3.75 5.16 29.75
N ARG A 108 -3.47 3.86 29.70
CA ARG A 108 -4.24 2.94 28.89
C ARG A 108 -5.71 2.93 29.34
N ASP A 109 -5.92 2.92 30.65
CA ASP A 109 -7.27 2.93 31.22
C ASP A 109 -7.96 4.26 30.93
N ASP A 110 -7.18 5.34 30.97
CA ASP A 110 -7.69 6.67 30.68
C ASP A 110 -8.13 6.74 29.23
N ALA A 111 -7.18 6.43 28.33
CA ALA A 111 -7.45 6.42 26.90
C ALA A 111 -8.67 5.57 26.58
N LYS A 112 -8.78 4.42 27.23
CA LYS A 112 -9.90 3.50 27.03
C LYS A 112 -11.24 4.21 27.27
N ALA A 113 -11.34 4.92 28.40
CA ALA A 113 -12.57 5.64 28.71
C ALA A 113 -12.89 6.60 27.59
N ARG A 114 -11.86 7.25 27.08
CA ARG A 114 -12.00 8.22 26.00
C ARG A 114 -12.42 7.54 24.69
N VAL A 115 -11.76 6.43 24.36
CA VAL A 115 -12.09 5.69 23.14
C VAL A 115 -13.53 5.18 23.21
N ASP A 116 -13.92 4.68 24.38
CA ASP A 116 -15.27 4.17 24.59
C ASP A 116 -16.31 5.27 24.44
N ALA A 117 -16.00 6.44 24.96
CA ALA A 117 -16.91 7.59 24.83
C ALA A 117 -17.10 7.91 23.36
N ALA A 118 -16.01 7.89 22.60
CA ALA A 118 -16.08 8.16 21.17
C ALA A 118 -16.95 7.13 20.44
N HIS A 119 -16.70 5.85 20.69
CA HIS A 119 -17.50 4.79 20.08
C HIS A 119 -18.98 5.01 20.38
N GLY A 120 -19.26 5.41 21.61
CA GLY A 120 -20.63 5.62 22.07
C GLY A 120 -21.38 6.64 21.23
N ARG A 121 -20.69 7.69 20.80
CA ARG A 121 -21.32 8.73 20.02
C ARG A 121 -21.90 8.17 18.72
N TYR A 122 -21.34 7.04 18.27
CA TYR A 122 -21.78 6.44 17.03
C TYR A 122 -22.71 5.25 17.27
N PHE A 123 -22.46 4.49 18.33
CA PHE A 123 -23.19 3.24 18.53
C PHE A 123 -24.33 3.31 19.55
N GLU A 124 -24.29 4.31 20.43
CA GLU A 124 -25.40 4.53 21.36
C GLU A 124 -26.70 4.67 20.57
N GLY A 125 -27.73 3.94 21.00
CA GLY A 125 -29.00 3.94 20.30
C GLY A 125 -29.17 2.70 19.45
N ILE A 126 -28.05 2.07 19.07
CA ILE A 126 -28.12 0.79 18.38
C ILE A 126 -28.11 -0.30 19.46
N PRO A 127 -29.09 -1.22 19.43
CA PRO A 127 -29.16 -2.21 20.50
C PRO A 127 -27.84 -2.97 20.68
N ASP A 128 -27.49 -3.28 21.93
CA ASP A 128 -26.20 -3.88 22.21
C ASP A 128 -26.02 -5.24 21.54
N THR A 129 -27.07 -6.05 21.49
CA THR A 129 -26.97 -7.36 20.86
C THR A 129 -26.55 -7.20 19.41
N VAL A 130 -27.08 -6.17 18.77
CA VAL A 130 -26.79 -5.92 17.35
C VAL A 130 -25.33 -5.51 17.16
N VAL A 131 -24.86 -4.60 17.99
CA VAL A 131 -23.46 -4.18 17.95
C VAL A 131 -22.53 -5.33 18.31
N ASN A 132 -22.89 -6.07 19.35
CA ASN A 132 -22.09 -7.19 19.81
C ASN A 132 -21.94 -8.23 18.71
N GLN A 133 -23.03 -8.44 17.96
CA GLN A 133 -23.02 -9.41 16.88
C GLN A 133 -22.11 -8.95 15.74
N ARG A 135 -19.49 -7.10 16.02
CA ARG A 135 -18.15 -7.35 16.51
C ARG A 135 -17.77 -8.79 16.22
N ASP A 136 -18.67 -9.72 16.57
CA ASP A 136 -18.44 -11.13 16.33
CA ASP A 136 -18.41 -11.13 16.33
C ASP A 136 -18.14 -11.43 14.86
N THR A 137 -18.95 -10.88 13.96
CA THR A 137 -18.77 -11.18 12.55
C THR A 137 -17.51 -10.53 11.98
N LEU A 138 -17.21 -9.31 12.42
CA LEU A 138 -15.96 -8.66 12.03
C LEU A 138 -14.76 -9.50 12.48
N GLN A 139 -14.84 -10.04 13.70
CA GLN A 139 -13.77 -10.86 14.23
C GLN A 139 -13.53 -12.10 13.37
N SER A 140 -14.62 -12.74 12.93
CA SER A 140 -14.51 -13.96 12.17
C SER A 140 -13.79 -13.70 10.85
N ILE A 141 -14.00 -12.50 10.31
CA ILE A 141 -13.37 -12.10 9.06
C ILE A 141 -11.92 -11.67 9.26
N ALA A 142 -11.68 -10.82 10.25
CA ALA A 142 -10.34 -10.30 10.51
C ALA A 142 -9.40 -11.39 11.00
N PHE A 143 -9.90 -12.24 11.88
CA PHE A 143 -9.11 -13.32 12.46
C PHE A 143 -9.86 -14.64 12.36
N PRO A 144 -9.74 -15.31 11.21
CA PRO A 144 -10.41 -16.60 10.98
C PRO A 144 -9.96 -17.66 11.97
N SER B 6 7.79 -22.03 -13.59
CA SER B 6 9.07 -21.74 -14.22
C SER B 6 10.21 -21.69 -13.22
N GLN B 7 11.36 -22.23 -13.61
CA GLN B 7 12.54 -22.21 -12.76
C GLN B 7 13.46 -21.06 -13.12
N ALA B 8 13.03 -20.22 -14.05
CA ALA B 8 13.84 -19.12 -14.55
C ALA B 8 13.73 -17.87 -13.69
N LEU B 9 14.87 -17.27 -13.39
CA LEU B 9 14.87 -16.04 -12.60
C LEU B 9 14.08 -14.95 -13.32
N SER B 10 14.17 -14.91 -14.65
CA SER B 10 13.50 -13.89 -15.45
C SER B 10 11.96 -13.93 -15.38
N ASP B 11 11.41 -15.01 -14.85
CA ASP B 11 9.96 -15.08 -14.65
C ASP B 11 9.57 -14.69 -13.22
N ASP B 12 10.57 -14.53 -12.37
CA ASP B 12 10.35 -14.15 -10.97
C ASP B 12 9.85 -12.71 -10.89
N ILE B 13 8.58 -12.52 -10.56
CA ILE B 13 7.96 -11.20 -10.57
C ILE B 13 8.63 -10.21 -9.62
N GLY B 14 9.12 -10.69 -8.49
CA GLY B 14 9.82 -9.81 -7.57
C GLY B 14 11.15 -9.35 -8.15
N PHE B 15 11.83 -10.28 -8.81
CA PHE B 15 13.09 -9.95 -9.46
C PHE B 15 12.84 -8.91 -10.53
N LEU B 16 11.80 -9.12 -11.34
CA LEU B 16 11.48 -8.18 -12.41
C LEU B 16 11.18 -6.78 -11.88
N LEU B 17 10.39 -6.71 -10.82
CA LEU B 17 10.04 -5.43 -10.22
C LEU B 17 11.28 -4.68 -9.74
N SER B 18 12.17 -5.40 -9.07
CA SER B 18 13.38 -4.77 -8.54
C SER B 18 14.31 -4.34 -9.66
N ARG B 19 14.44 -5.19 -10.67
CA ARG B 19 15.31 -4.90 -11.81
C ARG B 19 14.84 -3.67 -12.59
N VAL B 20 13.59 -3.67 -13.02
CA VAL B 20 13.06 -2.54 -13.75
C VAL B 20 12.97 -1.28 -12.88
N GLY B 21 12.57 -1.44 -11.63
CA GLY B 21 12.53 -0.31 -10.71
C GLY B 21 13.89 0.36 -10.60
N GLY B 22 14.94 -0.45 -10.51
CA GLY B 22 16.29 0.06 -10.39
C GLY B 22 16.74 0.77 -11.66
N VAL B 24 14.75 2.34 -13.84
CA VAL B 24 14.02 3.59 -13.90
C VAL B 24 14.59 4.60 -12.89
N LEU B 25 14.87 4.15 -11.67
CA LEU B 25 15.49 5.02 -10.66
C LEU B 25 16.76 5.65 -11.23
N GLY B 26 17.59 4.83 -11.87
CA GLY B 26 18.84 5.30 -12.46
C GLY B 26 18.60 6.32 -13.55
N ALA B 27 17.64 6.04 -14.41
CA ALA B 27 17.28 6.97 -15.48
C ALA B 27 16.79 8.29 -14.91
N VAL B 28 16.01 8.22 -13.83
CA VAL B 28 15.47 9.44 -13.24
C VAL B 28 16.55 10.28 -12.55
N ASN B 29 17.45 9.62 -11.83
CA ASN B 29 18.54 10.35 -11.17
C ASN B 29 19.40 11.09 -12.19
N LYS B 30 19.64 10.46 -13.34
CA LYS B 30 20.38 11.13 -14.41
C LYS B 30 19.61 12.35 -14.92
N ALA B 31 18.30 12.19 -15.08
CA ALA B 31 17.46 13.29 -15.58
C ALA B 31 17.39 14.43 -14.58
N LEU B 32 17.45 14.10 -13.30
CA LEU B 32 17.35 15.09 -12.23
C LEU B 32 18.63 15.89 -11.97
N VAL B 33 19.73 15.50 -12.60
CA VAL B 33 21.02 16.12 -12.28
C VAL B 33 21.02 17.65 -12.14
N PRO B 34 20.47 18.38 -13.13
CA PRO B 34 20.57 19.85 -13.05
C PRO B 34 19.68 20.48 -11.97
N THR B 35 18.77 19.72 -11.39
CA THR B 35 17.89 20.24 -10.35
C THR B 35 18.58 20.17 -8.99
N GLY B 36 19.69 19.45 -8.92
CA GLY B 36 20.37 19.22 -7.65
C GLY B 36 19.69 18.16 -6.81
N LEU B 37 18.57 17.65 -7.29
CA LEU B 37 17.82 16.64 -6.53
C LEU B 37 18.21 15.25 -6.98
N ARG B 38 17.85 14.26 -6.15
CA ARG B 38 17.83 12.86 -6.57
C ARG B 38 16.43 12.33 -6.29
N VAL B 39 16.17 11.07 -6.67
CA VAL B 39 14.80 10.54 -6.59
C VAL B 39 14.18 10.72 -5.22
N ARG B 40 14.91 10.37 -4.16
CA ARG B 40 14.36 10.45 -2.82
C ARG B 40 14.04 11.87 -2.37
N SER B 41 14.95 12.81 -2.62
CA SER B 41 14.71 14.20 -2.22
C SER B 41 13.60 14.82 -3.08
N TYR B 42 13.58 14.50 -4.37
CA TYR B 42 12.49 14.92 -5.24
C TYR B 42 11.16 14.38 -4.71
N SER B 43 11.16 13.11 -4.31
CA SER B 43 9.93 12.47 -3.85
C SER B 43 9.37 13.20 -2.63
N VAL B 44 10.25 13.51 -1.69
CA VAL B 44 9.84 14.25 -0.51
C VAL B 44 9.31 15.62 -0.91
N LEU B 45 9.94 16.24 -1.90
CA LEU B 45 9.50 17.55 -2.39
C LEU B 45 8.11 17.49 -3.00
N VAL B 46 7.86 16.46 -3.81
CA VAL B 46 6.55 16.22 -4.39
C VAL B 46 5.48 16.08 -3.30
N LEU B 47 5.78 15.26 -2.28
CA LEU B 47 4.82 15.06 -1.21
C LEU B 47 4.49 16.37 -0.49
N ALA B 48 5.50 17.20 -0.25
CA ALA B 48 5.28 18.49 0.40
C ALA B 48 4.41 19.43 -0.47
N CYS B 49 4.58 19.35 -1.78
CA CYS B 49 3.82 20.20 -2.70
C CYS B 49 2.38 19.74 -2.90
N GLU B 50 2.12 18.46 -2.61
CA GLU B 50 0.78 17.91 -2.80
C GLU B 50 -0.28 18.69 -2.02
N GLN B 51 0.13 19.28 -0.89
CA GLN B 51 -0.80 20.05 -0.07
C GLN B 51 -0.34 21.49 0.08
N ALA B 52 -1.29 22.42 0.08
CA ALA B 52 -0.98 23.82 0.33
C ALA B 52 -0.49 23.95 1.76
N GLU B 53 -1.16 23.25 2.67
CA GLU B 53 -0.83 23.28 4.09
C GLU B 53 0.58 22.74 4.35
N GLY B 54 0.85 21.55 3.81
CA GLY B 54 2.11 20.87 4.04
C GLY B 54 1.88 19.40 4.29
N VAL B 55 2.83 18.73 4.91
CA VAL B 55 2.72 17.31 5.20
C VAL B 55 3.46 16.93 6.49
N ASN B 56 2.86 16.04 7.27
CA ASN B 56 3.52 15.54 8.47
C ASN B 56 4.74 14.71 8.10
N GLN B 57 5.80 14.85 8.88
CA GLN B 57 7.03 14.11 8.63
C GLN B 57 6.80 12.61 8.81
N ARG B 58 5.94 12.25 9.76
CA ARG B 58 5.59 10.84 9.96
C ARG B 58 5.02 10.22 8.68
N GLY B 59 4.02 10.88 8.11
CA GLY B 59 3.36 10.38 6.91
C GLY B 59 4.30 10.24 5.73
N VAL B 60 5.32 11.09 5.68
CA VAL B 60 6.28 11.05 4.59
C VAL B 60 7.03 9.72 4.62
N ALA B 61 7.61 9.39 5.77
CA ALA B 61 8.31 8.13 5.94
C ALA B 61 7.46 6.93 5.56
N ALA B 62 6.22 6.89 6.06
CA ALA B 62 5.31 5.78 5.77
C ALA B 62 5.08 5.65 4.27
N THR B 63 4.80 6.77 3.63
CA THR B 63 4.56 6.79 2.19
C THR B 63 5.79 6.35 1.42
N GLY B 65 8.13 4.48 2.54
CA GLY B 65 8.60 3.20 3.02
C GLY B 65 10.01 3.35 3.59
N LEU B 66 10.27 4.48 4.20
CA LEU B 66 11.59 4.78 4.78
C LEU B 66 11.49 5.06 6.27
N ASP B 67 12.62 4.92 6.97
CA ASP B 67 12.68 5.28 8.38
C ASP B 67 12.64 6.79 8.53
N PRO B 68 12.11 7.28 9.67
CA PRO B 68 12.06 8.72 9.95
C PRO B 68 13.45 9.35 9.87
N SER B 69 14.47 8.63 10.35
CA SER B 69 15.84 9.15 10.35
C SER B 69 16.32 9.48 8.94
N GLN B 70 15.78 8.76 7.96
CA GLN B 70 16.12 9.01 6.57
C GLN B 70 15.35 10.21 6.03
N ILE B 71 14.12 10.37 6.47
CA ILE B 71 13.31 11.51 6.05
C ILE B 71 13.90 12.82 6.55
N VAL B 72 14.49 12.79 7.74
CA VAL B 72 15.08 14.00 8.32
C VAL B 72 16.25 14.52 7.50
N GLY B 73 17.12 13.61 7.05
CA GLY B 73 18.27 13.97 6.25
C GLY B 73 17.85 14.53 4.90
N LEU B 74 16.81 13.96 4.32
CA LEU B 74 16.28 14.44 3.06
C LEU B 74 15.67 15.83 3.22
N VAL B 75 14.88 16.00 4.28
CA VAL B 75 14.23 17.28 4.56
C VAL B 75 15.24 18.38 4.89
N ASP B 76 16.27 18.03 5.65
CA ASP B 76 17.37 18.95 5.93
C ASP B 76 17.96 19.46 4.62
N GLU B 77 18.18 18.54 3.68
CA GLU B 77 18.73 18.90 2.38
C GLU B 77 17.87 19.94 1.66
N LEU B 78 16.56 19.70 1.63
CA LEU B 78 15.63 20.61 0.96
C LEU B 78 15.55 21.94 1.70
N GLU B 79 15.41 21.88 3.01
CA GLU B 79 15.28 23.07 3.84
C GLU B 79 16.48 24.00 3.65
N GLU B 80 17.68 23.43 3.61
CA GLU B 80 18.90 24.22 3.47
C GLU B 80 18.94 24.94 2.13
N ARG B 81 18.30 24.37 1.12
CA ARG B 81 18.23 24.99 -0.19
C ARG B 81 17.05 25.96 -0.29
N GLY B 82 16.28 26.06 0.78
CA GLY B 82 15.12 26.94 0.81
C GLY B 82 13.95 26.43 -0.02
N LEU B 83 13.87 25.11 -0.17
CA LEU B 83 12.83 24.49 -0.99
C LEU B 83 11.60 24.08 -0.18
N VAL B 84 11.80 23.78 1.11
CA VAL B 84 10.70 23.60 2.04
C VAL B 84 11.01 24.32 3.34
N VAL B 85 9.99 24.56 4.14
CA VAL B 85 10.17 25.07 5.48
C VAL B 85 9.56 24.09 6.48
N ARG B 86 10.28 23.83 7.55
CA ARG B 86 9.79 22.93 8.58
C ARG B 86 9.17 23.72 9.71
N THR B 87 8.02 23.27 10.19
CA THR B 87 7.32 23.95 11.26
C THR B 87 6.72 22.95 12.25
N LEU B 88 6.22 23.44 13.37
CA LEU B 88 5.65 22.58 14.38
C LEU B 88 4.12 22.63 14.35
N ASP B 89 3.51 21.45 14.47
CA ASP B 89 2.06 21.35 14.56
C ASP B 89 1.59 21.75 15.96
N PRO B 90 0.90 22.90 16.05
CA PRO B 90 0.39 23.42 17.33
C PRO B 90 -0.71 22.54 17.92
N ARG B 93 2.92 19.72 19.22
CA ARG B 93 4.15 20.19 18.58
C ARG B 93 5.14 19.05 18.38
N ARG B 94 4.74 17.86 18.81
CA ARG B 94 5.56 16.67 18.64
C ARG B 94 5.60 16.26 17.17
N ASN B 95 4.62 16.73 16.40
CA ASN B 95 4.53 16.45 14.98
C ASN B 95 5.15 17.57 14.13
N LYS B 96 6.12 17.22 13.30
CA LYS B 96 6.82 18.20 12.48
C LYS B 96 6.22 18.29 11.07
N LEU B 97 5.92 19.51 10.65
CA LEU B 97 5.28 19.76 9.36
C LEU B 97 6.26 20.23 8.30
N ILE B 98 6.14 19.69 7.09
CA ILE B 98 7.00 20.04 5.98
C ILE B 98 6.19 20.76 4.90
N ALA B 99 6.56 21.99 4.60
CA ALA B 99 5.79 22.78 3.64
C ALA B 99 6.67 23.34 2.53
N ALA B 100 6.27 23.11 1.29
CA ALA B 100 7.01 23.64 0.15
C ALA B 100 6.97 25.18 0.13
N THR B 101 8.09 25.79 -0.24
CA THR B 101 8.13 27.23 -0.48
C THR B 101 7.84 27.47 -1.94
N GLU B 102 7.70 28.74 -2.32
CA GLU B 102 7.46 29.10 -3.71
C GLU B 102 8.60 28.59 -4.60
N GLU B 103 9.81 28.64 -4.08
CA GLU B 103 10.97 28.15 -4.79
C GLU B 103 10.89 26.65 -4.93
N GLY B 104 10.48 25.99 -3.87
CA GLY B 104 10.27 24.54 -3.91
C GLY B 104 9.27 24.11 -4.95
N ARG B 105 8.13 24.80 -5.01
CA ARG B 105 7.11 24.47 -6.00
C ARG B 105 7.62 24.70 -7.43
N ARG B 106 8.43 25.73 -7.61
CA ARG B 106 8.97 26.03 -8.92
C ARG B 106 9.91 24.91 -9.36
N LEU B 107 10.77 24.47 -8.45
CA LEU B 107 11.73 23.40 -8.74
C LEU B 107 10.99 22.09 -9.00
N ARG B 108 9.99 21.81 -8.19
CA ARG B 108 9.17 20.62 -8.37
C ARG B 108 8.56 20.57 -9.78
N ASP B 109 8.10 21.72 -10.28
CA ASP B 109 7.49 21.75 -11.61
C ASP B 109 8.52 21.40 -12.67
N ASP B 110 9.70 22.01 -12.56
CA ASP B 110 10.78 21.72 -13.49
C ASP B 110 11.18 20.25 -13.40
N ALA B 111 11.39 19.77 -12.19
CA ALA B 111 11.81 18.38 -11.96
C ALA B 111 10.79 17.37 -12.50
N LYS B 112 9.51 17.66 -12.31
CA LYS B 112 8.44 16.78 -12.79
C LYS B 112 8.54 16.59 -14.30
N ALA B 113 8.86 17.67 -15.01
CA ALA B 113 8.97 17.61 -16.47
C ALA B 113 10.12 16.70 -16.90
N ARG B 114 11.24 16.78 -16.18
CA ARG B 114 12.39 15.95 -16.47
C ARG B 114 12.11 14.49 -16.14
N VAL B 115 11.40 14.27 -15.03
CA VAL B 115 11.02 12.91 -14.62
C VAL B 115 10.06 12.28 -15.64
N ASP B 116 9.05 13.03 -16.06
CA ASP B 116 8.10 12.53 -17.05
C ASP B 116 8.79 12.17 -18.36
N ALA B 117 9.75 13.00 -18.76
CA ALA B 117 10.48 12.76 -20.00
C ALA B 117 11.37 11.51 -19.87
N ALA B 118 11.96 11.32 -18.71
CA ALA B 118 12.75 10.12 -18.44
C ALA B 118 11.87 8.86 -18.54
N HIS B 119 10.71 8.88 -17.90
CA HIS B 119 9.80 7.75 -18.00
C HIS B 119 9.46 7.49 -19.47
N GLY B 120 9.20 8.57 -20.20
CA GLY B 120 8.82 8.48 -21.60
C GLY B 120 9.89 7.76 -22.40
N ARG B 121 11.13 8.18 -22.21
CA ARG B 121 12.24 7.54 -22.91
C ARG B 121 12.31 6.07 -22.53
N TYR B 122 12.12 5.77 -21.24
CA TYR B 122 12.26 4.40 -20.78
C TYR B 122 11.14 3.49 -21.24
N PHE B 123 9.95 4.04 -21.39
CA PHE B 123 8.79 3.25 -21.80
C PHE B 123 8.44 3.42 -23.28
N GLU B 124 9.38 4.00 -24.02
CA GLU B 124 9.29 4.08 -25.47
C GLU B 124 9.05 2.69 -26.06
N GLY B 125 8.05 2.58 -26.92
CA GLY B 125 7.72 1.30 -27.53
C GLY B 125 6.57 0.59 -26.83
N ILE B 126 6.32 0.95 -25.58
CA ILE B 126 5.21 0.35 -24.84
C ILE B 126 3.98 1.24 -24.90
N PRO B 127 2.84 0.68 -25.32
CA PRO B 127 1.60 1.42 -25.49
C PRO B 127 1.21 2.14 -24.21
N ASP B 128 0.68 3.36 -24.33
CA ASP B 128 0.23 4.12 -23.17
C ASP B 128 -0.72 3.29 -22.30
N THR B 129 -1.63 2.56 -22.95
CA THR B 129 -2.65 1.80 -22.24
C THR B 129 -2.04 0.70 -21.39
N VAL B 130 -0.93 0.14 -21.89
CA VAL B 130 -0.23 -0.92 -21.17
C VAL B 130 0.50 -0.36 -19.95
N VAL B 131 1.18 0.77 -20.13
CA VAL B 131 1.84 1.44 -19.01
C VAL B 131 0.80 1.85 -17.96
N ASN B 132 -0.33 2.38 -18.42
CA ASN B 132 -1.37 2.78 -17.49
C ASN B 132 -1.96 1.61 -16.69
N GLN B 133 -2.09 0.44 -17.31
CA GLN B 133 -2.54 -0.73 -16.58
C GLN B 133 -1.52 -1.20 -15.56
N ARG B 135 0.48 0.85 -14.02
CA ARG B 135 0.27 1.82 -12.96
C ARG B 135 -0.89 1.39 -12.05
N ASP B 136 -2.05 1.10 -12.65
CA ASP B 136 -3.20 0.66 -11.87
C ASP B 136 -2.88 -0.55 -11.01
N THR B 137 -2.22 -1.54 -11.61
CA THR B 137 -1.84 -2.76 -10.93
C THR B 137 -0.96 -2.49 -9.70
N LEU B 138 0.09 -1.71 -9.89
CA LEU B 138 0.99 -1.39 -8.79
C LEU B 138 0.28 -0.57 -7.72
N GLN B 139 -0.61 0.33 -8.15
CA GLN B 139 -1.36 1.15 -7.21
C GLN B 139 -2.25 0.29 -6.31
N SER B 140 -2.78 -0.80 -6.85
CA SER B 140 -3.65 -1.67 -6.08
C SER B 140 -2.86 -2.34 -4.96
N ILE B 141 -1.54 -2.36 -5.09
CA ILE B 141 -0.67 -2.96 -4.09
C ILE B 141 -0.09 -1.94 -3.12
N ALA B 142 0.47 -0.86 -3.66
CA ALA B 142 1.06 0.19 -2.85
C ALA B 142 0.00 1.02 -2.12
N PHE B 143 -1.22 1.05 -2.64
CA PHE B 143 -2.30 1.83 -2.05
C PHE B 143 -3.58 1.01 -2.01
N PRO B 144 -3.65 0.06 -1.08
CA PRO B 144 -4.77 -0.90 -1.03
C PRO B 144 -6.12 -0.26 -0.72
N THR B 145 -6.15 0.92 -0.10
CA THR B 145 -7.42 1.59 0.18
C THR B 145 -7.63 2.84 -0.66
N PHE B 146 -7.05 3.95 -0.22
CA PHE B 146 -7.21 5.21 -0.92
C PHE B 146 -5.87 5.82 -1.32
N VAL B 147 -5.91 6.72 -2.30
CA VAL B 147 -4.71 7.39 -2.78
C VAL B 147 -4.48 8.73 -2.09
N SER C 6 -14.11 -5.78 28.11
CA SER C 6 -12.94 -6.41 27.48
C SER C 6 -11.78 -5.44 27.35
N GLN C 7 -10.57 -5.96 27.49
CA GLN C 7 -9.36 -5.15 27.43
C GLN C 7 -8.52 -5.47 26.19
N ALA C 8 -8.94 -6.49 25.44
CA ALA C 8 -8.22 -6.90 24.25
C ALA C 8 -8.43 -5.95 23.08
N LEU C 9 -7.42 -5.82 22.23
CA LEU C 9 -7.51 -4.99 21.04
C LEU C 9 -8.51 -5.57 20.04
N SER C 10 -8.56 -6.90 19.97
CA SER C 10 -9.40 -7.57 18.99
C SER C 10 -10.89 -7.41 19.28
N ASP C 11 -11.23 -6.77 20.40
CA ASP C 11 -12.63 -6.50 20.72
C ASP C 11 -12.98 -5.04 20.42
N ASP C 12 -11.96 -4.25 20.10
CA ASP C 12 -12.14 -2.85 19.76
C ASP C 12 -12.89 -2.73 18.43
N ILE C 13 -14.13 -2.27 18.49
CA ILE C 13 -15.00 -2.21 17.32
C ILE C 13 -14.41 -1.32 16.21
N GLY C 14 -13.74 -0.24 16.61
CA GLY C 14 -13.10 0.64 15.65
C GLY C 14 -11.94 -0.07 14.96
N PHE C 15 -11.12 -0.76 15.76
CA PHE C 15 -10.03 -1.56 15.24
C PHE C 15 -10.54 -2.57 14.22
N LEU C 16 -11.62 -3.26 14.57
CA LEU C 16 -12.18 -4.30 13.72
C LEU C 16 -12.72 -3.72 12.41
N LEU C 17 -13.44 -2.61 12.51
CA LEU C 17 -13.97 -1.95 11.31
C LEU C 17 -12.83 -1.56 10.38
N SER C 18 -11.78 -0.98 10.95
CA SER C 18 -10.66 -0.52 10.12
C SER C 18 -9.88 -1.69 9.52
N ARG C 19 -9.67 -2.74 10.31
CA ARG C 19 -8.99 -3.93 9.81
C ARG C 19 -9.78 -4.62 8.69
N VAL C 20 -11.05 -4.89 8.94
CA VAL C 20 -11.89 -5.56 7.94
C VAL C 20 -12.14 -4.67 6.71
N GLY C 21 -12.40 -3.38 6.95
CA GLY C 21 -12.53 -2.44 5.85
C GLY C 21 -11.30 -2.41 4.94
N GLY C 22 -10.12 -2.42 5.54
CA GLY C 22 -8.89 -2.38 4.77
C GLY C 22 -8.71 -3.62 3.91
N VAL C 24 -11.10 -5.71 2.82
CA VAL C 24 -12.09 -5.74 1.76
C VAL C 24 -11.75 -4.77 0.63
N LEU C 25 -11.46 -3.53 0.98
CA LEU C 25 -11.11 -2.52 -0.03
C LEU C 25 -9.85 -2.93 -0.81
N GLY C 26 -8.88 -3.50 -0.11
CA GLY C 26 -7.68 -3.98 -0.78
C GLY C 26 -8.02 -5.03 -1.84
N ALA C 27 -8.92 -5.94 -1.48
CA ALA C 27 -9.32 -7.00 -2.40
C ALA C 27 -10.12 -6.42 -3.56
N VAL C 28 -10.96 -5.43 -3.27
CA VAL C 28 -11.77 -4.77 -4.29
C VAL C 28 -10.91 -3.99 -5.29
N ASN C 29 -9.97 -3.19 -4.78
CA ASN C 29 -9.05 -2.48 -5.65
C ASN C 29 -8.26 -3.44 -6.57
N LYS C 30 -7.83 -4.56 -6.02
CA LYS C 30 -7.12 -5.55 -6.83
C LYS C 30 -8.03 -6.14 -7.92
N ALA C 31 -9.26 -6.50 -7.54
CA ALA C 31 -10.23 -7.04 -8.50
C ALA C 31 -10.59 -6.04 -9.59
N LEU C 32 -10.63 -4.75 -9.22
CA LEU C 32 -11.02 -3.69 -10.16
C LEU C 32 -9.96 -3.34 -11.21
N VAL C 33 -8.74 -3.83 -11.03
CA VAL C 33 -7.64 -3.41 -11.90
C VAL C 33 -7.98 -3.38 -13.39
N PRO C 34 -8.59 -4.45 -13.93
CA PRO C 34 -8.86 -4.48 -15.38
C PRO C 34 -9.83 -3.38 -15.81
N THR C 35 -10.64 -2.86 -14.90
CA THR C 35 -11.62 -1.84 -15.24
C THR C 35 -11.01 -0.44 -15.35
N GLY C 36 -9.78 -0.29 -14.85
CA GLY C 36 -9.16 1.02 -14.77
C GLY C 36 -9.70 1.84 -13.60
N LEU C 37 -10.65 1.26 -12.87
CA LEU C 37 -11.27 1.95 -11.76
C LEU C 37 -10.61 1.60 -10.42
N ARG C 38 -10.92 2.40 -9.41
CA ARG C 38 -10.59 2.09 -8.03
C ARG C 38 -11.84 2.31 -7.19
N VAL C 39 -11.80 1.95 -5.92
CA VAL C 39 -12.99 2.05 -5.08
C VAL C 39 -13.66 3.42 -5.17
N ARG C 40 -12.88 4.49 -5.12
CA ARG C 40 -13.43 5.84 -5.17
C ARG C 40 -14.05 6.21 -6.51
N SER C 41 -13.33 6.00 -7.61
CA SER C 41 -13.88 6.31 -8.92
C SER C 41 -15.07 5.41 -9.22
N TYR C 42 -14.96 4.13 -8.84
CA TYR C 42 -16.05 3.19 -9.00
C TYR C 42 -17.32 3.65 -8.25
N SER C 43 -17.13 4.09 -7.01
CA SER C 43 -18.22 4.58 -6.20
C SER C 43 -18.95 5.77 -6.84
N VAL C 44 -18.18 6.70 -7.40
CA VAL C 44 -18.76 7.85 -8.07
C VAL C 44 -19.56 7.41 -9.29
N LEU C 45 -19.04 6.45 -10.03
CA LEU C 45 -19.75 5.91 -11.18
C LEU C 45 -21.07 5.29 -10.74
N VAL C 46 -21.02 4.54 -9.64
CA VAL C 46 -22.22 3.90 -9.11
C VAL C 46 -23.27 4.94 -8.74
N LEU C 47 -22.85 6.01 -8.08
CA LEU C 47 -23.75 7.09 -7.73
C LEU C 47 -24.36 7.71 -8.98
N ALA C 48 -23.51 7.95 -9.98
CA ALA C 48 -23.98 8.55 -11.23
C ALA C 48 -24.96 7.63 -11.96
N CYS C 49 -24.81 6.32 -11.78
CA CYS C 49 -25.66 5.35 -12.45
C CYS C 49 -27.00 5.14 -11.75
N GLU C 50 -27.13 5.62 -10.51
CA GLU C 50 -28.32 5.37 -9.71
C GLU C 50 -29.59 5.97 -10.31
N GLN C 51 -29.47 7.17 -10.88
CA GLN C 51 -30.60 7.80 -11.56
C GLN C 51 -30.23 8.12 -13.00
N ALA C 52 -31.25 8.22 -13.85
CA ALA C 52 -31.01 8.53 -15.26
C ALA C 52 -30.43 9.94 -15.41
N GLU C 53 -30.97 10.88 -14.66
CA GLU C 53 -30.54 12.27 -14.75
C GLU C 53 -29.13 12.47 -14.20
N GLY C 54 -28.63 11.48 -13.49
CA GLY C 54 -27.30 11.56 -12.90
C GLY C 54 -27.35 12.05 -11.48
N VAL C 55 -26.18 12.20 -10.87
CA VAL C 55 -26.10 12.58 -9.47
C VAL C 55 -25.60 14.01 -9.31
N ASN C 56 -26.10 14.70 -8.29
CA ASN C 56 -25.64 16.03 -7.95
C ASN C 56 -24.28 15.96 -7.26
N GLN C 57 -23.36 16.84 -7.66
CA GLN C 57 -22.00 16.81 -7.13
C GLN C 57 -21.96 16.94 -5.61
N ARG C 58 -22.81 17.78 -5.06
CA ARG C 58 -22.92 17.93 -3.60
C ARG C 58 -23.43 16.66 -2.96
N GLY C 59 -24.31 15.95 -3.67
CA GLY C 59 -24.79 14.67 -3.19
C GLY C 59 -23.66 13.66 -3.07
N VAL C 60 -22.76 13.68 -4.04
CA VAL C 60 -21.62 12.77 -4.00
C VAL C 60 -20.74 13.08 -2.79
N ALA C 61 -20.47 14.37 -2.59
CA ALA C 61 -19.68 14.83 -1.46
C ALA C 61 -20.28 14.33 -0.15
N ALA C 62 -21.56 14.57 0.03
CA ALA C 62 -22.26 14.16 1.25
C ALA C 62 -22.15 12.66 1.48
N THR C 63 -22.49 11.88 0.45
CA THR C 63 -22.48 10.42 0.56
C THR C 63 -21.10 9.88 0.85
N GLY C 65 -18.19 11.74 1.76
CA GLY C 65 -17.32 12.52 2.63
C GLY C 65 -16.11 13.11 1.92
N LEU C 66 -16.27 13.45 0.65
CA LEU C 66 -15.18 14.01 -0.15
C LEU C 66 -15.28 15.52 -0.27
N ASP C 67 -14.13 16.19 -0.32
CA ASP C 67 -14.06 17.61 -0.62
C ASP C 67 -14.41 17.83 -2.09
N PRO C 68 -14.86 19.04 -2.43
CA PRO C 68 -15.12 19.42 -3.82
C PRO C 68 -13.95 19.07 -4.73
N SER C 69 -12.75 19.47 -4.35
CA SER C 69 -11.58 19.25 -5.20
C SER C 69 -11.39 17.76 -5.52
N GLN C 70 -11.60 16.91 -4.52
CA GLN C 70 -11.48 15.47 -4.72
C GLN C 70 -12.53 14.97 -5.72
N ILE C 71 -13.78 15.35 -5.50
CA ILE C 71 -14.87 14.97 -6.40
C ILE C 71 -14.57 15.42 -7.82
N VAL C 72 -14.20 16.70 -7.97
CA VAL C 72 -13.84 17.22 -9.29
C VAL C 72 -12.83 16.31 -9.98
N GLY C 73 -11.78 15.95 -9.24
CA GLY C 73 -10.74 15.08 -9.78
C GLY C 73 -11.30 13.75 -10.25
N LEU C 74 -12.11 13.12 -9.40
CA LEU C 74 -12.70 11.83 -9.72
C LEU C 74 -13.58 11.90 -10.95
N VAL C 75 -14.45 12.91 -10.98
CA VAL C 75 -15.33 13.12 -12.13
C VAL C 75 -14.53 13.41 -13.40
N ASP C 76 -13.50 14.24 -13.28
CA ASP C 76 -12.62 14.55 -14.43
C ASP C 76 -12.09 13.26 -15.06
N GLU C 77 -11.65 12.35 -14.21
CA GLU C 77 -11.10 11.08 -14.65
C GLU C 77 -12.14 10.26 -15.41
N LEU C 78 -13.35 10.18 -14.85
CA LEU C 78 -14.44 9.43 -15.47
C LEU C 78 -14.91 10.07 -16.77
N GLU C 79 -14.96 11.40 -16.81
CA GLU C 79 -15.38 12.10 -18.01
C GLU C 79 -14.36 11.94 -19.14
N GLU C 80 -13.08 11.99 -18.78
CA GLU C 80 -12.02 11.82 -19.77
C GLU C 80 -12.18 10.48 -20.50
N ARG C 81 -12.64 9.47 -19.77
CA ARG C 81 -12.83 8.14 -20.34
C ARG C 81 -14.21 7.97 -20.99
N GLY C 82 -14.99 9.04 -21.01
CA GLY C 82 -16.30 9.01 -21.62
C GLY C 82 -17.28 8.10 -20.90
N LEU C 83 -17.11 7.99 -19.58
CA LEU C 83 -17.94 7.13 -18.76
C LEU C 83 -19.01 7.96 -18.09
N VAL C 84 -18.79 9.27 -18.13
CA VAL C 84 -19.64 10.21 -17.42
C VAL C 84 -19.61 11.54 -18.16
N VAL C 85 -20.71 12.27 -18.13
CA VAL C 85 -20.75 13.61 -18.70
C VAL C 85 -21.33 14.59 -17.68
N ARG C 86 -20.81 15.81 -17.69
CA ARG C 86 -21.33 16.86 -16.82
C ARG C 86 -22.52 17.54 -17.47
N THR C 87 -23.63 17.58 -16.74
CA THR C 87 -24.88 18.14 -17.26
C THR C 87 -25.43 19.19 -16.30
N LEU C 88 -26.37 20.00 -16.77
CA LEU C 88 -27.02 21.01 -15.93
C LEU C 88 -28.44 20.59 -15.60
N ASP C 89 -28.94 21.10 -14.47
CA ASP C 89 -30.32 20.85 -14.07
C ASP C 89 -31.15 22.11 -14.24
N PRO C 90 -32.10 22.09 -15.18
CA PRO C 90 -33.00 23.22 -15.46
C PRO C 90 -33.87 23.55 -14.26
N ARG C 94 -30.21 24.93 -11.23
CA ARG C 94 -28.81 25.33 -11.28
C ARG C 94 -27.91 24.35 -10.52
N ASN C 95 -28.35 23.09 -10.43
CA ASN C 95 -27.56 22.05 -9.78
C ASN C 95 -26.63 21.34 -10.77
N LYS C 96 -25.39 21.12 -10.34
CA LYS C 96 -24.41 20.44 -11.17
C LYS C 96 -24.63 18.94 -11.15
N LEU C 97 -24.90 18.36 -12.32
CA LEU C 97 -25.21 16.93 -12.42
C LEU C 97 -24.11 16.14 -13.10
N ILE C 98 -23.92 14.90 -12.64
CA ILE C 98 -22.97 14.00 -13.23
C ILE C 98 -23.74 12.78 -13.73
N ALA C 99 -23.90 12.67 -15.05
CA ALA C 99 -24.70 11.60 -15.62
C ALA C 99 -23.83 10.54 -16.29
N ALA C 100 -24.13 9.27 -16.03
CA ALA C 100 -23.40 8.16 -16.63
C ALA C 100 -23.74 8.02 -18.12
N THR C 101 -22.74 7.73 -18.93
CA THR C 101 -22.97 7.41 -20.34
C THR C 101 -23.31 5.92 -20.45
N GLU C 102 -23.66 5.48 -21.64
CA GLU C 102 -23.99 4.08 -21.83
C GLU C 102 -22.78 3.26 -21.57
N GLU C 103 -21.63 3.73 -22.01
CA GLU C 103 -20.41 3.04 -21.71
C GLU C 103 -20.12 2.96 -20.22
N GLY C 104 -20.35 4.06 -19.53
CA GLY C 104 -20.17 4.10 -18.10
C GLY C 104 -21.03 3.07 -17.45
N ARG C 105 -22.23 2.94 -17.96
CA ARG C 105 -23.16 1.96 -17.39
C ARG C 105 -22.68 0.55 -17.64
N ARG C 106 -22.11 0.30 -18.82
CA ARG C 106 -21.55 -1.01 -19.13
C ARG C 106 -20.38 -1.32 -18.21
N LEU C 107 -19.49 -0.34 -18.02
CA LEU C 107 -18.34 -0.52 -17.14
C LEU C 107 -18.78 -0.73 -15.70
N ARG C 108 -19.77 0.04 -15.27
N ARG C 108 -19.76 0.06 -15.28
CA ARG C 108 -20.28 -0.10 -13.92
CA ARG C 108 -20.35 -0.06 -13.96
C ARG C 108 -20.81 -1.51 -13.70
C ARG C 108 -20.81 -1.50 -13.73
N ASP C 109 -21.52 -2.05 -14.71
CA ASP C 109 -22.03 -3.41 -14.64
C ASP C 109 -20.89 -4.43 -14.54
N ASP C 110 -19.86 -4.24 -15.35
CA ASP C 110 -18.69 -5.11 -15.31
C ASP C 110 -17.98 -5.02 -13.96
N ALA C 111 -17.82 -3.81 -13.44
CA ALA C 111 -17.09 -3.58 -12.19
C ALA C 111 -17.83 -4.19 -10.99
N LYS C 112 -19.16 -4.03 -10.97
CA LYS C 112 -19.98 -4.57 -9.90
C LYS C 112 -19.81 -6.09 -9.78
N ALA C 113 -19.72 -6.77 -10.93
CA ALA C 113 -19.52 -8.21 -10.92
C ALA C 113 -18.21 -8.54 -10.20
N ARG C 114 -17.17 -7.78 -10.52
CA ARG C 114 -15.86 -7.97 -9.90
C ARG C 114 -15.89 -7.62 -8.41
N VAL C 115 -16.57 -6.54 -8.07
CA VAL C 115 -16.65 -6.13 -6.67
C VAL C 115 -17.38 -7.21 -5.84
N ASP C 116 -18.51 -7.68 -6.36
CA ASP C 116 -19.27 -8.73 -5.68
C ASP C 116 -18.46 -9.98 -5.47
N ALA C 117 -17.72 -10.40 -6.49
CA ALA C 117 -16.83 -11.55 -6.37
C ALA C 117 -15.81 -11.35 -5.25
N ALA C 118 -15.28 -10.13 -5.17
CA ALA C 118 -14.30 -9.77 -4.14
C ALA C 118 -14.93 -9.83 -2.74
N HIS C 119 -16.12 -9.27 -2.60
CA HIS C 119 -16.83 -9.34 -1.33
C HIS C 119 -17.07 -10.80 -0.94
N GLY C 120 -17.41 -11.62 -1.93
CA GLY C 120 -17.69 -13.03 -1.70
C GLY C 120 -16.60 -13.77 -0.94
N ARG C 121 -15.35 -13.42 -1.20
CA ARG C 121 -14.23 -14.07 -0.53
C ARG C 121 -14.32 -13.91 0.98
N TYR C 122 -14.82 -12.77 1.43
CA TYR C 122 -14.87 -12.47 2.85
C TYR C 122 -16.23 -12.76 3.50
N PHE C 123 -17.30 -12.75 2.71
CA PHE C 123 -18.64 -12.87 3.29
C PHE C 123 -19.38 -14.18 3.06
N GLU C 124 -19.00 -14.91 2.01
CA GLU C 124 -19.59 -16.22 1.80
C GLU C 124 -19.29 -17.10 3.00
N GLY C 125 -20.33 -17.71 3.56
CA GLY C 125 -20.18 -18.52 4.75
C GLY C 125 -20.90 -17.88 5.92
N ILE C 126 -21.05 -16.57 5.86
CA ILE C 126 -21.82 -15.83 6.86
C ILE C 126 -23.27 -15.76 6.42
N PRO C 127 -24.20 -16.19 7.30
CA PRO C 127 -25.63 -16.16 6.96
C PRO C 127 -26.02 -14.80 6.42
N ASP C 128 -26.77 -14.78 5.32
CA ASP C 128 -27.17 -13.52 4.70
C ASP C 128 -27.81 -12.56 5.69
N THR C 129 -28.64 -13.09 6.59
CA THR C 129 -29.32 -12.25 7.57
C THR C 129 -28.34 -11.55 8.51
N VAL C 130 -27.25 -12.24 8.84
CA VAL C 130 -26.21 -11.66 9.70
C VAL C 130 -25.46 -10.55 8.97
N VAL C 131 -25.06 -10.82 7.73
CA VAL C 131 -24.47 -9.78 6.91
C VAL C 131 -25.47 -8.61 6.74
N ASN C 132 -26.72 -8.95 6.40
CA ASN C 132 -27.73 -7.92 6.20
C ASN C 132 -27.88 -7.01 7.41
N GLN C 133 -27.79 -7.59 8.60
CA GLN C 133 -27.95 -6.79 9.81
C GLN C 133 -26.76 -5.85 9.98
N ARG C 135 -25.05 -4.63 7.56
CA ARG C 135 -25.29 -3.58 6.58
C ARG C 135 -26.24 -2.53 7.16
N ASP C 136 -27.31 -2.99 7.77
CA ASP C 136 -28.28 -2.11 8.36
C ASP C 136 -27.70 -1.24 9.45
N THR C 137 -26.87 -1.80 10.31
CA THR C 137 -26.32 -0.97 11.37
C THR C 137 -25.32 0.05 10.83
N LEU C 138 -24.51 -0.36 9.86
CA LEU C 138 -23.56 0.56 9.24
C LEU C 138 -24.30 1.69 8.52
N GLN C 139 -25.40 1.35 7.91
CA GLN C 139 -26.27 2.32 7.26
C GLN C 139 -26.81 3.38 8.20
N SER C 140 -27.12 2.98 9.41
CA SER C 140 -27.70 3.92 10.35
C SER C 140 -26.62 4.90 10.82
N ILE C 141 -25.37 4.54 10.60
CA ILE C 141 -24.25 5.39 10.96
C ILE C 141 -23.78 6.23 9.77
N ALA C 142 -23.56 5.59 8.63
CA ALA C 142 -23.07 6.30 7.44
C ALA C 142 -24.12 7.23 6.85
N PHE C 143 -25.40 6.88 7.03
CA PHE C 143 -26.50 7.70 6.52
C PHE C 143 -27.52 7.96 7.63
N PRO C 144 -27.15 8.76 8.63
CA PRO C 144 -28.04 8.98 9.77
C PRO C 144 -29.38 9.50 9.30
N THR C 145 -29.35 10.19 8.16
CA THR C 145 -30.52 10.87 7.61
C THR C 145 -30.76 10.42 6.18
N SER D 6 -1.07 14.99 -13.56
CA SER D 6 -1.18 14.61 -12.17
C SER D 6 0.10 14.94 -11.40
N GLN D 7 -0.06 15.56 -10.22
CA GLN D 7 1.08 15.96 -9.41
C GLN D 7 1.26 15.06 -8.18
N ALA D 8 0.45 14.00 -8.09
CA ALA D 8 0.52 13.09 -6.96
C ALA D 8 1.63 12.04 -7.14
N LEU D 9 2.41 11.84 -6.10
CA LEU D 9 3.47 10.83 -6.13
C LEU D 9 2.91 9.44 -6.44
N SER D 10 1.68 9.19 -5.99
CA SER D 10 1.04 7.90 -6.20
C SER D 10 0.82 7.54 -7.68
N ASP D 11 0.94 8.52 -8.56
CA ASP D 11 0.82 8.28 -9.99
C ASP D 11 2.17 8.10 -10.68
N ASP D 12 3.24 8.42 -9.96
CA ASP D 12 4.60 8.34 -10.49
C ASP D 12 4.96 6.88 -10.72
N ILE D 13 5.11 6.48 -11.97
CA ILE D 13 5.34 5.07 -12.29
C ILE D 13 6.65 4.55 -11.67
N GLY D 14 7.68 5.39 -11.64
CA GLY D 14 8.94 5.03 -11.03
C GLY D 14 8.81 4.79 -9.53
N PHE D 15 8.09 5.68 -8.86
CA PHE D 15 7.84 5.52 -7.44
C PHE D 15 7.09 4.21 -7.17
N LEU D 16 6.09 3.92 -8.00
CA LEU D 16 5.29 2.71 -7.82
C LEU D 16 6.13 1.43 -7.99
N LEU D 17 6.96 1.38 -9.03
CA LEU D 17 7.81 0.21 -9.21
C LEU D 17 8.74 0.01 -8.02
N SER D 18 9.40 1.08 -7.60
CA SER D 18 10.35 1.00 -6.48
CA SER D 18 10.35 1.00 -6.48
C SER D 18 9.64 0.63 -5.19
N ARG D 19 8.50 1.27 -4.93
CA ARG D 19 7.76 1.00 -3.70
C ARG D 19 7.24 -0.44 -3.65
N VAL D 20 6.54 -0.87 -4.71
CA VAL D 20 6.06 -2.25 -4.73
C VAL D 20 7.23 -3.24 -4.76
N GLY D 21 8.25 -2.96 -5.57
CA GLY D 21 9.43 -3.79 -5.60
C GLY D 21 10.02 -4.00 -4.21
N GLY D 22 10.14 -2.91 -3.46
CA GLY D 22 10.68 -2.95 -2.11
C GLY D 22 9.79 -3.72 -1.14
N VAL D 24 7.74 -6.24 -1.90
CA VAL D 24 7.88 -7.65 -2.24
C VAL D 24 9.24 -8.18 -1.78
N LEU D 25 10.29 -7.40 -2.05
CA LEU D 25 11.65 -7.75 -1.64
C LEU D 25 11.74 -7.97 -0.13
N GLY D 26 11.10 -7.10 0.63
CA GLY D 26 11.07 -7.23 2.08
C GLY D 26 10.40 -8.53 2.50
N ALA D 27 9.25 -8.82 1.91
CA ALA D 27 8.51 -10.03 2.24
C ALA D 27 9.24 -11.30 1.81
N VAL D 28 9.93 -11.25 0.67
CA VAL D 28 10.64 -12.43 0.22
C VAL D 28 11.84 -12.72 1.10
N ASN D 29 12.55 -11.67 1.52
CA ASN D 29 13.69 -11.84 2.42
C ASN D 29 13.23 -12.46 3.73
N LYS D 30 12.11 -11.98 4.25
CA LYS D 30 11.55 -12.52 5.48
C LYS D 30 11.24 -14.01 5.28
N ALA D 31 10.64 -14.33 4.14
CA ALA D 31 10.28 -15.71 3.84
C ALA D 31 11.51 -16.61 3.69
N LEU D 32 12.63 -16.03 3.26
CA LEU D 32 13.85 -16.80 3.02
C LEU D 32 14.66 -17.07 4.29
N VAL D 33 14.31 -16.39 5.37
CA VAL D 33 15.09 -16.48 6.61
C VAL D 33 15.44 -17.92 7.02
N PRO D 34 14.45 -18.83 6.98
CA PRO D 34 14.72 -20.22 7.38
C PRO D 34 15.80 -20.89 6.54
N THR D 35 15.98 -20.46 5.30
CA THR D 35 16.98 -21.07 4.42
C THR D 35 18.35 -20.44 4.63
N GLY D 36 18.39 -19.27 5.25
CA GLY D 36 19.63 -18.57 5.47
C GLY D 36 20.02 -17.67 4.30
N LEU D 37 19.34 -17.85 3.17
CA LEU D 37 19.60 -17.04 1.99
C LEU D 37 18.89 -15.69 2.11
N ARG D 38 19.34 -14.73 1.30
CA ARG D 38 18.56 -13.52 1.05
C ARG D 38 18.32 -13.44 -0.46
N VAL D 39 17.51 -12.47 -0.90
CA VAL D 39 17.06 -12.47 -2.29
C VAL D 39 18.20 -12.50 -3.29
N ARG D 40 19.27 -11.74 -3.03
CA ARG D 40 20.39 -11.71 -3.98
C ARG D 40 21.13 -13.05 -4.08
N SER D 41 21.40 -13.70 -2.96
CA SER D 41 22.08 -14.99 -3.01
C SER D 41 21.16 -16.08 -3.56
N TYR D 42 19.88 -16.01 -3.22
CA TYR D 42 18.87 -16.90 -3.81
C TYR D 42 18.86 -16.75 -5.33
N SER D 43 18.81 -15.52 -5.82
CA SER D 43 18.78 -15.26 -7.26
C SER D 43 20.00 -15.86 -7.97
N VAL D 44 21.16 -15.78 -7.33
CA VAL D 44 22.37 -16.30 -7.96
C VAL D 44 22.27 -17.82 -8.05
N LEU D 45 21.77 -18.43 -6.99
CA LEU D 45 21.59 -19.86 -6.94
C LEU D 45 20.66 -20.31 -8.06
N VAL D 46 19.58 -19.54 -8.25
CA VAL D 46 18.60 -19.85 -9.27
C VAL D 46 19.24 -19.85 -10.65
N LEU D 47 20.00 -18.80 -10.95
CA LEU D 47 20.70 -18.71 -12.23
C LEU D 47 21.65 -19.89 -12.40
N ALA D 48 22.30 -20.30 -11.32
CA ALA D 48 23.20 -21.43 -11.37
C ALA D 48 22.46 -22.73 -11.66
N CYS D 49 21.29 -22.90 -11.06
CA CYS D 49 20.52 -24.13 -11.19
C CYS D 49 19.85 -24.25 -12.56
N GLU D 50 19.70 -23.13 -13.27
CA GLU D 50 19.00 -23.12 -14.55
C GLU D 50 19.67 -24.01 -15.59
N GLN D 51 20.96 -24.25 -15.41
CA GLN D 51 21.71 -25.07 -16.36
C GLN D 51 22.41 -26.21 -15.66
N ALA D 52 22.57 -27.33 -16.37
CA ALA D 52 23.20 -28.51 -15.78
C ALA D 52 24.67 -28.25 -15.45
N GLU D 53 25.33 -27.50 -16.32
CA GLU D 53 26.74 -27.18 -16.11
C GLU D 53 26.87 -25.74 -15.60
N GLY D 54 28.09 -25.35 -15.24
CA GLY D 54 28.32 -24.04 -14.64
C GLY D 54 27.90 -22.87 -15.51
N VAL D 55 27.43 -21.80 -14.86
CA VAL D 55 27.06 -20.58 -15.58
C VAL D 55 28.15 -19.53 -15.46
N ASN D 56 28.25 -18.66 -16.47
CA ASN D 56 29.27 -17.64 -16.53
C ASN D 56 29.05 -16.54 -15.50
N GLN D 57 30.12 -16.09 -14.86
CA GLN D 57 30.02 -15.05 -13.83
C GLN D 57 29.60 -13.70 -14.40
N ARG D 58 30.16 -13.33 -15.55
CA ARG D 58 29.83 -12.07 -16.19
C ARG D 58 28.35 -12.04 -16.59
N GLY D 59 27.82 -13.22 -16.94
CA GLY D 59 26.43 -13.32 -17.31
C GLY D 59 25.54 -13.06 -16.11
N VAL D 60 25.93 -13.62 -14.97
CA VAL D 60 25.17 -13.41 -13.74
C VAL D 60 25.13 -11.93 -13.39
N ALA D 61 26.28 -11.29 -13.39
CA ALA D 61 26.35 -9.85 -13.13
C ALA D 61 25.40 -9.09 -14.05
N ALA D 62 25.51 -9.38 -15.34
CA ALA D 62 24.68 -8.71 -16.34
C ALA D 62 23.19 -8.91 -16.06
N THR D 63 22.81 -10.15 -15.78
CA THR D 63 21.41 -10.48 -15.54
C THR D 63 20.87 -9.81 -14.29
N GLY D 65 22.06 -7.08 -12.89
CA GLY D 65 22.32 -5.65 -12.88
C GLY D 65 23.27 -5.26 -11.77
N LEU D 66 24.16 -6.18 -11.39
CA LEU D 66 25.17 -5.88 -10.36
C LEU D 66 26.59 -5.91 -10.95
N ASP D 67 27.50 -5.26 -10.24
CA ASP D 67 28.93 -5.30 -10.56
C ASP D 67 29.46 -6.71 -10.33
N PRO D 68 30.35 -7.19 -11.21
CA PRO D 68 31.00 -8.48 -10.97
C PRO D 68 31.53 -8.62 -9.54
N SER D 69 32.13 -7.56 -9.01
CA SER D 69 32.67 -7.60 -7.65
C SER D 69 31.59 -7.96 -6.62
N GLN D 70 30.35 -7.56 -6.87
CA GLN D 70 29.24 -7.89 -5.98
C GLN D 70 28.85 -9.37 -6.12
N ILE D 71 28.88 -9.87 -7.35
CA ILE D 71 28.61 -11.28 -7.61
C ILE D 71 29.60 -12.18 -6.88
N VAL D 72 30.87 -11.75 -6.80
CA VAL D 72 31.90 -12.57 -6.17
C VAL D 72 31.53 -12.93 -4.73
N GLY D 73 31.07 -11.92 -3.99
CA GLY D 73 30.67 -12.11 -2.61
C GLY D 73 29.44 -12.98 -2.48
N LEU D 74 28.50 -12.87 -3.42
CA LEU D 74 27.30 -13.68 -3.38
C LEU D 74 27.63 -15.15 -3.63
N VAL D 75 28.54 -15.39 -4.57
CA VAL D 75 28.98 -16.74 -4.86
C VAL D 75 29.81 -17.29 -3.69
N ASP D 76 30.61 -16.43 -3.05
CA ASP D 76 31.38 -16.82 -1.87
C ASP D 76 30.46 -17.40 -0.80
N GLU D 77 29.33 -16.72 -0.59
CA GLU D 77 28.33 -17.13 0.39
C GLU D 77 27.75 -18.50 0.05
N LEU D 78 27.46 -18.71 -1.23
CA LEU D 78 26.89 -19.97 -1.69
C LEU D 78 27.93 -21.09 -1.64
N GLU D 79 29.16 -20.78 -2.07
CA GLU D 79 30.20 -21.80 -2.11
C GLU D 79 30.57 -22.31 -0.71
N GLU D 80 30.61 -21.39 0.26
CA GLU D 80 30.97 -21.77 1.61
C GLU D 80 29.92 -22.69 2.23
N ARG D 81 28.70 -22.59 1.73
CA ARG D 81 27.63 -23.46 2.20
C ARG D 81 27.51 -24.74 1.38
N GLY D 82 28.37 -24.88 0.37
CA GLY D 82 28.37 -26.05 -0.48
C GLY D 82 27.20 -26.10 -1.45
N LEU D 83 26.64 -24.94 -1.77
CA LEU D 83 25.46 -24.87 -2.62
C LEU D 83 25.83 -24.66 -4.09
N VAL D 84 27.04 -24.17 -4.31
CA VAL D 84 27.58 -24.05 -5.65
C VAL D 84 29.07 -24.32 -5.58
N VAL D 85 29.68 -24.57 -6.72
CA VAL D 85 31.12 -24.74 -6.81
C VAL D 85 31.67 -23.92 -7.97
N ARG D 86 32.79 -23.24 -7.76
CA ARG D 86 33.48 -22.54 -8.82
C ARG D 86 34.42 -23.48 -9.54
N THR D 87 34.31 -23.54 -10.85
CA THR D 87 35.26 -24.32 -11.64
C THR D 87 35.88 -23.41 -12.68
N LEU D 88 37.14 -23.66 -13.01
CA LEU D 88 37.79 -22.89 -14.06
C LEU D 88 37.04 -23.09 -15.38
N ASP D 89 36.71 -21.98 -16.03
CA ASP D 89 36.04 -22.04 -17.31
C ASP D 89 37.00 -22.65 -18.33
N PRO D 90 36.71 -23.89 -18.76
CA PRO D 90 37.62 -24.60 -19.67
C PRO D 90 37.93 -23.80 -20.93
N SER D 91 37.05 -22.87 -21.27
CA SER D 91 37.23 -22.07 -22.49
C SER D 91 37.86 -20.72 -22.19
N ASP D 92 38.15 -20.47 -20.91
CA ASP D 92 38.79 -19.23 -20.50
C ASP D 92 39.22 -19.30 -19.03
N ASN D 95 38.77 -16.22 -15.51
CA ASN D 95 37.38 -16.36 -15.09
C ASN D 95 36.83 -17.79 -14.82
N LYS D 96 35.64 -17.84 -14.25
CA LYS D 96 35.21 -19.04 -13.57
C LYS D 96 33.79 -19.43 -13.87
N LEU D 97 33.49 -20.72 -13.84
CA LEU D 97 32.06 -20.99 -13.96
C LEU D 97 31.45 -21.23 -12.59
N ILE D 98 30.15 -20.99 -12.48
CA ILE D 98 29.43 -21.22 -11.24
C ILE D 98 28.41 -22.34 -11.47
N ALA D 99 28.63 -23.47 -10.82
CA ALA D 99 27.76 -24.62 -11.00
C ALA D 99 27.10 -25.00 -9.68
N ALA D 100 25.78 -25.19 -9.72
CA ALA D 100 25.05 -25.59 -8.53
C ALA D 100 25.43 -27.01 -8.14
N THR D 101 25.53 -27.27 -6.85
CA THR D 101 25.71 -28.62 -6.37
C THR D 101 24.33 -29.21 -6.11
N GLU D 102 24.25 -30.51 -5.92
N GLU D 102 24.26 -30.52 -5.93
CA GLU D 102 22.98 -31.15 -5.65
CA GLU D 102 22.99 -31.17 -5.65
C GLU D 102 22.36 -30.57 -4.38
C GLU D 102 22.37 -30.56 -4.39
N GLU D 103 23.21 -30.21 -3.45
CA GLU D 103 22.76 -29.56 -2.26
C GLU D 103 22.17 -28.22 -2.60
N GLY D 104 22.85 -27.52 -3.48
CA GLY D 104 22.35 -26.25 -3.98
C GLY D 104 20.96 -26.40 -4.60
N ARG D 105 20.79 -27.41 -5.44
CA ARG D 105 19.51 -27.60 -6.15
C ARG D 105 18.37 -27.93 -5.19
N ARG D 106 18.65 -28.76 -4.18
CA ARG D 106 17.63 -29.10 -3.19
C ARG D 106 17.16 -27.84 -2.45
N LEU D 107 18.12 -27.03 -1.98
CA LEU D 107 17.79 -25.81 -1.26
C LEU D 107 17.03 -24.84 -2.17
N ARG D 108 17.46 -24.76 -3.43
CA ARG D 108 16.79 -23.92 -4.40
C ARG D 108 15.31 -24.27 -4.49
N ASP D 109 15.03 -25.57 -4.56
CA ASP D 109 13.64 -26.04 -4.60
C ASP D 109 12.87 -25.61 -3.37
N ASP D 110 13.49 -25.77 -2.20
CA ASP D 110 12.85 -25.39 -0.95
C ASP D 110 12.58 -23.89 -0.94
N ALA D 111 13.61 -23.11 -1.22
CA ALA D 111 13.51 -21.67 -1.22
C ALA D 111 12.44 -21.15 -2.17
N LYS D 112 12.33 -21.79 -3.34
CA LYS D 112 11.37 -21.35 -4.34
C LYS D 112 9.93 -21.44 -3.83
N ALA D 113 9.62 -22.50 -3.09
CA ALA D 113 8.30 -22.65 -2.53
C ALA D 113 7.97 -21.48 -1.61
N ARG D 114 8.96 -21.11 -0.79
CA ARG D 114 8.79 -20.01 0.15
C ARG D 114 8.62 -18.68 -0.59
N VAL D 115 9.43 -18.46 -1.62
CA VAL D 115 9.34 -17.25 -2.43
C VAL D 115 7.96 -17.12 -3.08
N ASP D 116 7.48 -18.22 -3.67
CA ASP D 116 6.19 -18.21 -4.35
C ASP D 116 5.06 -17.87 -3.39
N ALA D 117 5.17 -18.32 -2.15
CA ALA D 117 4.17 -18.02 -1.12
C ALA D 117 4.13 -16.52 -0.86
N ALA D 118 5.31 -15.92 -0.75
CA ALA D 118 5.44 -14.50 -0.45
C ALA D 118 4.85 -13.65 -1.57
N HIS D 119 5.14 -14.01 -2.81
CA HIS D 119 4.53 -13.34 -3.95
C HIS D 119 3.02 -13.47 -3.90
N GLY D 120 2.55 -14.69 -3.65
CA GLY D 120 1.13 -14.95 -3.56
C GLY D 120 0.38 -13.98 -2.68
N ARG D 121 0.98 -13.62 -1.55
CA ARG D 121 0.36 -12.70 -0.61
C ARG D 121 0.08 -11.33 -1.24
N TYR D 122 0.96 -10.89 -2.13
CA TYR D 122 0.83 -9.57 -2.73
C TYR D 122 -0.05 -9.56 -3.98
N PHE D 123 -0.05 -10.67 -4.72
CA PHE D 123 -0.72 -10.67 -6.02
C PHE D 123 -2.04 -11.43 -6.02
N GLU D 124 -2.30 -12.14 -4.93
CA GLU D 124 -3.60 -12.77 -4.74
C GLU D 124 -4.67 -11.70 -4.80
N GLY D 125 -5.67 -11.90 -5.66
CA GLY D 125 -6.73 -10.93 -5.83
C GLY D 125 -6.67 -10.20 -7.14
N ILE D 126 -5.47 -10.11 -7.71
CA ILE D 126 -5.28 -9.50 -9.02
C ILE D 126 -5.47 -10.57 -10.10
N PRO D 127 -6.34 -10.29 -11.08
CA PRO D 127 -6.60 -11.26 -12.16
C PRO D 127 -5.31 -11.73 -12.83
N ASP D 128 -5.18 -13.03 -13.05
CA ASP D 128 -3.99 -13.63 -13.64
C ASP D 128 -3.60 -12.95 -14.95
N THR D 129 -4.61 -12.59 -15.73
CA THR D 129 -4.40 -11.92 -17.01
C THR D 129 -3.55 -10.67 -16.83
N VAL D 130 -3.89 -9.88 -15.81
CA VAL D 130 -3.23 -8.62 -15.54
C VAL D 130 -1.80 -8.82 -15.07
N VAL D 131 -1.61 -9.77 -14.15
CA VAL D 131 -0.28 -10.10 -13.65
C VAL D 131 0.61 -10.64 -14.76
N ASN D 132 0.06 -11.55 -15.56
CA ASN D 132 0.78 -12.09 -16.70
C ASN D 132 1.25 -10.97 -17.61
N GLN D 133 0.38 -10.00 -17.87
CA GLN D 133 0.73 -8.91 -18.75
C GLN D 133 1.81 -8.03 -18.14
N ARG D 135 4.17 -9.10 -16.06
CA ARG D 135 5.42 -9.86 -16.16
C ARG D 135 6.01 -9.66 -17.55
N ASP D 136 5.16 -9.77 -18.56
CA ASP D 136 5.58 -9.61 -19.95
C ASP D 136 6.14 -8.21 -20.19
N THR D 137 5.43 -7.20 -19.70
CA THR D 137 5.87 -5.82 -19.86
C THR D 137 7.21 -5.58 -19.20
N LEU D 138 7.37 -6.05 -17.95
CA LEU D 138 8.60 -5.86 -17.20
C LEU D 138 9.77 -6.59 -17.87
N GLN D 139 9.49 -7.75 -18.44
CA GLN D 139 10.49 -8.54 -19.15
C GLN D 139 11.00 -7.82 -20.39
N SER D 140 10.08 -7.20 -21.12
CA SER D 140 10.44 -6.47 -22.33
C SER D 140 11.33 -5.27 -22.01
N ILE D 141 11.27 -4.80 -20.76
CA ILE D 141 12.09 -3.68 -20.32
C ILE D 141 13.41 -4.16 -19.73
N ALA D 142 13.34 -5.16 -18.86
CA ALA D 142 14.53 -5.67 -18.19
C ALA D 142 15.44 -6.40 -19.16
N PHE D 143 14.83 -7.16 -20.06
CA PHE D 143 15.58 -7.95 -21.03
C PHE D 143 15.16 -7.56 -22.44
N PRO D 144 15.60 -6.39 -22.92
CA PRO D 144 15.20 -5.89 -24.23
C PRO D 144 15.53 -6.89 -25.35
N THR D 145 14.64 -7.01 -26.32
CA THR D 145 14.83 -7.95 -27.43
C THR D 145 15.57 -7.29 -28.58
#